data_5NIU
#
_entry.id   5NIU
#
_cell.length_a   39.882
_cell.length_b   84.673
_cell.length_c   164.405
_cell.angle_alpha   90.00
_cell.angle_beta   90.00
_cell.angle_gamma   90.00
#
_symmetry.space_group_name_H-M   'P 21 21 21'
#
loop_
_entity.id
_entity.type
_entity.pdbx_description
1 polymer 'Programmed cell death 1 ligand 1'
2 non-polymer '(2~{R})-2-[[2-[(3-cyanophenyl)methoxy]-4-[[3-(2,3-dihydro-1,4-benzodioxin-6-yl)-2-methyl-phenyl]methoxy]-5-methyl-phenyl]methylamino]-3-oxidanyl-propanoic acid'
3 non-polymer 1,2-ETHANEDIOL
4 water water
#
_entity_poly.entity_id   1
_entity_poly.type   'polypeptide(L)'
_entity_poly.pdbx_seq_one_letter_code
;AFTVTVPKDLYVVEYGSNMTIECKFPVEKQLDLAALIVYWEMEDKNIIQFVHGEEDLKVQHSSYRQRARLLKDQLSLGNA
ALQITDVKLQDAGVYRCMISYGGADYKRITVKVNAPYAAALEHHHHHH
;
_entity_poly.pdbx_strand_id   A,B,C,D
#
# COMPACT_ATOMS: atom_id res chain seq x y z
N ALA A 1 6.80 -21.69 26.59
CA ALA A 1 6.75 -21.44 25.12
C ALA A 1 7.94 -20.57 24.64
N PHE A 2 8.53 -20.94 23.52
CA PHE A 2 9.66 -20.19 22.96
C PHE A 2 9.21 -18.83 22.50
N THR A 3 9.73 -17.76 23.10
CA THR A 3 9.30 -16.43 22.74
C THR A 3 10.46 -15.56 22.39
N VAL A 4 10.38 -14.96 21.20
CA VAL A 4 11.31 -13.91 20.78
C VAL A 4 10.72 -12.60 21.26
N THR A 5 11.56 -11.72 21.77
CA THR A 5 11.10 -10.41 22.23
C THR A 5 11.99 -9.36 21.62
N VAL A 6 11.51 -8.11 21.62
CA VAL A 6 12.24 -7.00 21.11
C VAL A 6 12.24 -5.90 22.19
N PRO A 7 13.39 -5.41 22.62
CA PRO A 7 13.34 -4.29 23.57
C PRO A 7 12.71 -3.04 22.97
N LYS A 8 12.94 -2.79 21.68
CA LYS A 8 12.37 -1.65 20.96
C LYS A 8 11.71 -2.21 19.72
N ASP A 9 10.47 -1.83 19.47
CA ASP A 9 9.87 -2.21 18.18
C ASP A 9 9.87 -1.06 17.17
N LEU A 10 10.45 0.07 17.55
CA LEU A 10 10.59 1.23 16.67
C LEU A 10 11.96 1.83 16.82
N TYR A 11 12.66 2.04 15.69
CA TYR A 11 13.94 2.75 15.65
C TYR A 11 13.81 3.94 14.70
N VAL A 12 14.36 5.08 15.08
CA VAL A 12 14.46 6.26 14.23
C VAL A 12 15.93 6.51 13.99
N VAL A 13 16.34 6.52 12.74
CA VAL A 13 17.76 6.63 12.40
C VAL A 13 17.93 7.72 11.36
N GLU A 14 19.09 8.37 11.40
CA GLU A 14 19.44 9.42 10.42
C GLU A 14 20.11 8.81 9.25
N TYR A 15 19.74 9.27 8.06
CA TYR A 15 20.41 8.93 6.83
C TYR A 15 21.93 9.04 7.02
N GLY A 16 22.65 8.02 6.59
CA GLY A 16 24.12 7.96 6.74
C GLY A 16 24.66 7.41 8.04
N SER A 17 23.84 7.29 9.07
CA SER A 17 24.29 6.74 10.35
C SER A 17 24.29 5.20 10.30
N ASN A 18 24.65 4.60 11.40
CA ASN A 18 24.63 3.16 11.58
C ASN A 18 23.48 2.84 12.53
N MET A 19 22.93 1.65 12.41
CA MET A 19 21.90 1.16 13.31
C MET A 19 22.14 -0.30 13.73
N THR A 20 21.84 -0.62 14.96
CA THR A 20 21.76 -1.98 15.41
C THR A 20 20.36 -2.27 15.95
N ILE A 21 19.66 -3.20 15.31
CA ILE A 21 18.31 -3.60 15.76
C ILE A 21 18.34 -4.97 16.39
N GLU A 22 17.62 -5.18 17.47
CA GLU A 22 17.83 -6.35 18.29
C GLU A 22 16.59 -7.13 18.49
N CYS A 23 16.69 -8.46 18.45
CA CYS A 23 15.67 -9.40 18.88
CA CYS A 23 15.68 -9.35 18.93
C CYS A 23 16.28 -10.40 19.85
N LYS A 24 15.59 -10.66 20.93
CA LYS A 24 16.11 -11.54 21.99
C LYS A 24 15.41 -12.87 21.93
N PHE A 25 16.13 -13.91 22.32
CA PHE A 25 15.61 -15.25 22.39
C PHE A 25 16.22 -15.95 23.59
N PRO A 26 15.49 -16.93 24.16
CA PRO A 26 15.94 -17.57 25.39
C PRO A 26 17.08 -18.51 25.15
N VAL A 27 18.13 -18.39 25.95
CA VAL A 27 19.23 -19.35 25.94
C VAL A 27 19.45 -19.78 27.40
N GLU A 28 19.26 -21.05 27.65
CA GLU A 28 19.46 -21.65 28.96
C GLU A 28 20.87 -22.20 28.88
N LYS A 29 21.64 -21.88 29.89
CA LYS A 29 23.05 -22.27 30.00
C LYS A 29 23.76 -21.74 28.77
N GLN A 30 24.41 -22.59 28.01
CA GLN A 30 25.16 -22.07 26.92
C GLN A 30 24.50 -22.38 25.60
N LEU A 31 24.69 -21.48 24.67
CA LEU A 31 24.12 -21.63 23.36
C LEU A 31 24.69 -22.77 22.55
N ASP A 32 23.79 -23.56 22.00
CA ASP A 32 24.13 -24.58 21.02
C ASP A 32 23.97 -24.05 19.61
N LEU A 33 25.06 -23.51 19.06
CA LEU A 33 25.05 -22.98 17.70
C LEU A 33 24.49 -23.92 16.64
N ALA A 34 24.76 -25.21 16.76
CA ALA A 34 24.28 -26.19 15.78
C ALA A 34 22.76 -26.32 15.73
N ALA A 35 22.06 -25.95 16.80
CA ALA A 35 20.59 -25.94 16.83
C ALA A 35 19.93 -24.56 16.50
N LEU A 36 20.72 -23.54 16.21
CA LEU A 36 20.21 -22.18 16.06
C LEU A 36 20.07 -21.78 14.62
N ILE A 37 18.92 -21.25 14.26
CA ILE A 37 18.75 -20.54 12.95
C ILE A 37 18.27 -19.13 13.20
N VAL A 38 18.91 -18.15 12.59
CA VAL A 38 18.52 -16.72 12.65
C VAL A 38 18.34 -16.22 11.25
N TYR A 39 17.17 -15.67 10.96
CA TYR A 39 16.84 -15.10 9.67
C TYR A 39 16.30 -13.70 9.83
N TRP A 40 16.83 -12.74 9.10
CA TRP A 40 16.34 -11.35 9.09
C TRP A 40 15.93 -10.99 7.68
N GLU A 41 14.82 -10.28 7.57
N GLU A 41 14.79 -10.34 7.56
CA GLU A 41 14.32 -9.81 6.29
CA GLU A 41 14.30 -9.80 6.30
C GLU A 41 13.65 -8.46 6.50
C GLU A 41 13.61 -8.48 6.48
N MET A 42 13.53 -7.74 5.41
CA MET A 42 12.68 -6.55 5.34
C MET A 42 11.90 -6.60 4.05
N GLU A 43 10.57 -6.66 4.18
CA GLU A 43 9.66 -6.62 3.02
C GLU A 43 10.11 -7.54 1.89
N ASP A 44 10.26 -8.80 2.26
CA ASP A 44 10.66 -9.81 1.29
C ASP A 44 12.14 -9.76 0.79
N LYS A 45 12.94 -8.77 1.22
CA LYS A 45 14.39 -8.80 0.96
C LYS A 45 15.08 -9.58 2.08
N ASN A 46 15.78 -10.64 1.72
CA ASN A 46 16.61 -11.40 2.67
C ASN A 46 17.82 -10.59 3.09
N ILE A 47 18.05 -10.47 4.39
CA ILE A 47 19.18 -9.74 4.93
C ILE A 47 20.21 -10.68 5.54
N ILE A 48 19.78 -11.59 6.38
CA ILE A 48 20.69 -12.45 7.14
C ILE A 48 20.09 -13.79 7.14
N GLN A 49 20.95 -14.79 6.98
CA GLN A 49 20.54 -16.19 7.03
C GLN A 49 21.65 -16.94 7.71
N PHE A 50 21.52 -17.12 9.01
CA PHE A 50 22.51 -17.81 9.87
C PHE A 50 21.98 -19.17 10.24
N VAL A 51 22.57 -20.21 9.67
CA VAL A 51 22.04 -21.58 9.86
C VAL A 51 23.10 -22.50 10.52
N HIS A 52 22.81 -22.95 11.73
CA HIS A 52 23.67 -23.89 12.46
C HIS A 52 25.15 -23.47 12.47
N GLY A 53 25.39 -22.21 12.82
CA GLY A 53 26.76 -21.71 12.91
C GLY A 53 27.38 -21.20 11.62
N GLU A 54 26.77 -21.49 10.47
CA GLU A 54 27.28 -21.04 9.16
C GLU A 54 26.39 -19.94 8.56
N GLU A 55 26.97 -18.80 8.29
CA GLU A 55 26.21 -17.67 7.72
C GLU A 55 26.29 -17.77 6.24
N ASP A 56 25.17 -17.51 5.56
CA ASP A 56 25.22 -17.22 4.14
C ASP A 56 25.26 -15.69 3.95
N LEU A 57 26.47 -15.14 3.88
CA LEU A 57 26.66 -13.69 3.66
C LEU A 57 26.31 -13.28 2.20
N LYS A 58 26.55 -14.20 1.24
CA LYS A 58 26.45 -13.83 -0.18
C LYS A 58 25.02 -13.80 -0.71
N VAL A 59 24.06 -14.40 0.02
CA VAL A 59 22.64 -14.34 -0.43
C VAL A 59 21.87 -13.18 0.15
N GLN A 60 22.50 -12.29 0.90
CA GLN A 60 21.94 -11.00 1.23
C GLN A 60 21.49 -10.23 -0.01
N HIS A 61 20.29 -9.64 0.06
CA HIS A 61 19.75 -8.88 -1.06
C HIS A 61 20.73 -7.77 -1.46
N SER A 62 20.90 -7.52 -2.75
CA SER A 62 21.96 -6.60 -3.22
C SER A 62 21.89 -5.21 -2.61
N SER A 63 20.70 -4.72 -2.25
CA SER A 63 20.57 -3.44 -1.55
C SER A 63 21.20 -3.39 -0.14
N TYR A 64 21.50 -4.51 0.47
CA TYR A 64 22.15 -4.56 1.78
C TYR A 64 23.61 -5.04 1.72
N ARG A 65 24.11 -5.39 0.53
CA ARG A 65 25.41 -6.05 0.39
C ARG A 65 26.50 -5.13 0.95
N GLN A 66 27.38 -5.71 1.77
CA GLN A 66 28.44 -5.00 2.48
C GLN A 66 28.01 -4.04 3.58
N ARG A 67 26.70 -3.95 3.83
CA ARG A 67 26.18 -3.02 4.86
C ARG A 67 25.55 -3.71 6.06
N ALA A 68 25.27 -4.99 5.99
CA ALA A 68 24.44 -5.63 7.04
C ALA A 68 25.15 -6.84 7.57
N ARG A 69 25.22 -6.98 8.90
CA ARG A 69 25.81 -8.15 9.54
C ARG A 69 25.14 -8.44 10.86
N LEU A 70 25.18 -9.70 11.21
CA LEU A 70 24.71 -10.20 12.46
C LEU A 70 25.92 -10.18 13.40
N LEU A 71 25.71 -9.61 14.58
CA LEU A 71 26.75 -9.57 15.59
C LEU A 71 26.82 -10.93 16.28
N LYS A 72 27.76 -11.77 15.88
CA LYS A 72 27.83 -13.17 16.34
C LYS A 72 28.09 -13.31 17.83
N ASP A 73 28.89 -12.42 18.40
CA ASP A 73 29.16 -12.39 19.85
C ASP A 73 27.87 -12.35 20.67
N GLN A 74 26.93 -11.55 20.21
CA GLN A 74 25.66 -11.35 20.91
C GLN A 74 24.79 -12.56 20.94
N LEU A 75 24.99 -13.53 20.01
CA LEU A 75 24.13 -14.71 19.99
C LEU A 75 24.25 -15.50 21.24
N SER A 76 25.47 -15.64 21.81
CA SER A 76 25.60 -16.41 23.04
C SER A 76 24.92 -15.77 24.21
N LEU A 77 24.68 -14.46 24.16
CA LEU A 77 23.83 -13.79 25.15
C LEU A 77 22.32 -13.86 24.84
N GLY A 78 21.92 -14.60 23.82
CA GLY A 78 20.51 -14.64 23.44
C GLY A 78 20.05 -13.36 22.74
N ASN A 79 20.95 -12.70 22.02
CA ASN A 79 20.64 -11.47 21.30
C ASN A 79 21.00 -11.60 19.84
N ALA A 80 19.99 -11.57 18.98
CA ALA A 80 20.16 -11.55 17.51
C ALA A 80 20.16 -10.08 17.08
N ALA A 81 21.34 -9.53 16.92
CA ALA A 81 21.47 -8.11 16.72
C ALA A 81 21.93 -7.92 15.30
N LEU A 82 21.13 -7.22 14.51
CA LEU A 82 21.43 -6.92 13.12
C LEU A 82 21.99 -5.49 13.05
N GLN A 83 23.21 -5.35 12.56
CA GLN A 83 23.85 -4.06 12.38
C GLN A 83 23.83 -3.67 10.93
N ILE A 84 23.25 -2.50 10.65
CA ILE A 84 23.26 -1.94 9.30
C ILE A 84 24.06 -0.67 9.33
N THR A 85 25.04 -0.56 8.42
CA THR A 85 25.89 0.61 8.37
C THR A 85 25.47 1.50 7.19
N ASP A 86 25.68 2.80 7.32
CA ASP A 86 25.45 3.72 6.21
C ASP A 86 23.97 3.70 5.76
N VAL A 87 23.10 3.97 6.71
CA VAL A 87 21.64 3.76 6.50
C VAL A 87 21.14 4.64 5.36
N LYS A 88 20.35 4.05 4.50
CA LYS A 88 19.75 4.67 3.35
C LYS A 88 18.23 4.81 3.55
N LEU A 89 17.61 5.70 2.78
CA LEU A 89 16.14 5.84 2.84
C LEU A 89 15.39 4.56 2.53
N GLN A 90 15.93 3.78 1.60
CA GLN A 90 15.35 2.48 1.27
C GLN A 90 15.41 1.46 2.42
N ASP A 91 16.18 1.72 3.46
CA ASP A 91 16.24 0.85 4.63
C ASP A 91 15.04 1.03 5.57
N ALA A 92 14.23 2.05 5.35
CA ALA A 92 13.03 2.26 6.19
C ALA A 92 12.01 1.17 5.88
N GLY A 93 11.35 0.67 6.90
CA GLY A 93 10.28 -0.31 6.73
C GLY A 93 10.20 -1.23 7.89
N VAL A 94 9.51 -2.35 7.67
CA VAL A 94 9.25 -3.31 8.70
C VAL A 94 10.20 -4.50 8.53
N TYR A 95 11.01 -4.72 9.54
CA TYR A 95 11.95 -5.82 9.55
C TYR A 95 11.33 -6.96 10.34
N ARG A 96 11.66 -8.20 9.99
CA ARG A 96 11.37 -9.32 10.82
C ARG A 96 12.58 -10.14 11.13
N CYS A 97 12.66 -10.53 12.38
CA CYS A 97 13.64 -11.46 12.87
CA CYS A 97 13.64 -11.46 12.87
C CYS A 97 12.95 -12.78 13.13
N MET A 98 13.33 -13.81 12.43
CA MET A 98 12.82 -15.15 12.61
C MET A 98 13.90 -16.03 13.22
N ILE A 99 13.55 -16.65 14.34
CA ILE A 99 14.50 -17.48 15.12
C ILE A 99 13.94 -18.86 15.36
N SER A 100 14.73 -19.89 15.03
CA SER A 100 14.45 -21.25 15.44
C SER A 100 15.55 -21.70 16.38
N TYR A 101 15.15 -22.12 17.59
CA TYR A 101 16.07 -22.66 18.58
C TYR A 101 15.31 -23.52 19.59
N GLY A 102 15.03 -24.75 19.23
CA GLY A 102 14.18 -25.64 20.07
C GLY A 102 12.82 -24.98 20.34
N GLY A 103 12.18 -24.58 19.29
CA GLY A 103 11.05 -23.66 19.34
C GLY A 103 11.26 -22.64 18.22
N ALA A 104 10.22 -21.93 17.83
CA ALA A 104 10.33 -20.94 16.74
C ALA A 104 9.39 -19.80 16.97
N ASP A 105 9.82 -18.62 16.60
CA ASP A 105 9.03 -17.40 16.73
C ASP A 105 9.62 -16.32 15.87
N TYR A 106 8.89 -15.23 15.68
CA TYR A 106 9.41 -14.03 15.05
C TYR A 106 8.79 -12.79 15.58
N LYS A 107 9.47 -11.68 15.43
CA LYS A 107 8.89 -10.36 15.76
C LYS A 107 9.15 -9.38 14.66
N ARG A 108 8.37 -8.30 14.67
CA ARG A 108 8.54 -7.19 13.74
C ARG A 108 9.21 -6.02 14.42
N ILE A 109 10.03 -5.29 13.69
CA ILE A 109 10.62 -4.04 14.11
C ILE A 109 10.43 -3.03 12.97
N THR A 110 9.94 -1.86 13.33
CA THR A 110 9.79 -0.77 12.37
C THR A 110 10.97 0.18 12.45
N VAL A 111 11.54 0.48 11.30
CA VAL A 111 12.61 1.48 11.18
C VAL A 111 12.11 2.68 10.38
N LYS A 112 12.31 3.85 10.94
CA LYS A 112 12.05 5.13 10.23
C LYS A 112 13.40 5.78 9.97
N VAL A 113 13.59 6.33 8.78
CA VAL A 113 14.81 6.99 8.41
C VAL A 113 14.52 8.47 8.12
N ASN A 114 15.15 9.35 8.89
CA ASN A 114 15.11 10.78 8.65
C ASN A 114 16.19 11.09 7.63
N ALA A 115 15.92 12.04 6.74
CA ALA A 115 16.96 12.44 5.78
C ALA A 115 16.77 13.88 5.35
N PRO A 116 17.86 14.59 5.11
CA PRO A 116 17.73 15.93 4.53
C PRO A 116 17.26 15.93 3.10
N TYR A 117 16.85 17.11 2.64
CA TYR A 117 16.33 17.30 1.30
C TYR A 117 17.21 16.71 0.22
N ALA A 118 18.50 16.93 0.28
CA ALA A 118 19.39 16.41 -0.79
C ALA A 118 19.26 14.88 -0.96
N ALA A 119 19.31 14.15 0.16
CA ALA A 119 19.17 12.67 0.11
C ALA A 119 17.77 12.29 -0.32
N ALA A 120 16.78 13.00 0.21
CA ALA A 120 15.38 12.68 -0.14
C ALA A 120 15.10 12.92 -1.58
N LEU A 121 15.72 13.97 -2.12
CA LEU A 121 15.52 14.30 -3.53
C LEU A 121 16.10 13.23 -4.48
N GLU A 122 17.27 12.71 -4.15
CA GLU A 122 17.84 11.57 -4.88
C GLU A 122 16.98 10.31 -4.79
N HIS A 123 16.53 9.96 -3.58
CA HIS A 123 15.62 8.81 -3.40
C HIS A 123 14.32 9.00 -4.19
N HIS A 124 13.79 10.22 -4.15
CA HIS A 124 12.58 10.55 -4.87
C HIS A 124 12.69 10.28 -6.37
N HIS A 125 13.81 10.62 -6.97
CA HIS A 125 14.04 10.41 -8.39
C HIS A 125 14.65 9.06 -8.78
N HIS A 126 15.27 8.31 -7.86
CA HIS A 126 15.93 7.00 -8.15
C HIS A 126 14.97 5.84 -7.90
N ALA B 1 20.27 -28.49 1.90
CA ALA B 1 19.55 -27.46 2.74
C ALA B 1 18.06 -27.81 2.91
N PHE B 2 17.51 -27.55 4.08
CA PHE B 2 16.08 -27.72 4.32
C PHE B 2 15.26 -26.77 3.45
N THR B 3 14.41 -27.32 2.58
CA THR B 3 13.65 -26.51 1.67
C THR B 3 12.17 -26.82 1.76
N VAL B 4 11.38 -25.77 1.96
CA VAL B 4 9.93 -25.83 1.85
C VAL B 4 9.61 -25.49 0.38
N THR B 5 8.70 -26.23 -0.21
CA THR B 5 8.32 -25.98 -1.59
C THR B 5 6.82 -25.81 -1.69
N VAL B 6 6.43 -25.07 -2.71
CA VAL B 6 5.03 -24.86 -3.01
C VAL B 6 4.84 -25.25 -4.49
N PRO B 7 3.96 -26.20 -4.80
CA PRO B 7 3.71 -26.46 -6.24
C PRO B 7 3.10 -25.25 -6.96
N LYS B 8 2.25 -24.48 -6.27
CA LYS B 8 1.60 -23.30 -6.81
C LYS B 8 1.92 -22.13 -5.87
N ASP B 9 2.35 -21.02 -6.42
CA ASP B 9 2.44 -19.80 -5.64
C ASP B 9 1.26 -18.86 -5.89
N LEU B 10 0.27 -19.28 -6.65
CA LEU B 10 -0.93 -18.49 -6.92
C LEU B 10 -2.15 -19.34 -6.89
N TYR B 11 -3.19 -18.93 -6.13
CA TYR B 11 -4.50 -19.54 -6.12
C TYR B 11 -5.53 -18.48 -6.50
N VAL B 12 -6.47 -18.80 -7.36
CA VAL B 12 -7.61 -17.92 -7.65
C VAL B 12 -8.83 -18.67 -7.25
N VAL B 13 -9.60 -18.16 -6.32
CA VAL B 13 -10.73 -18.88 -5.77
C VAL B 13 -11.98 -18.01 -5.72
N GLU B 14 -13.14 -18.64 -5.77
CA GLU B 14 -14.43 -17.94 -5.74
C GLU B 14 -14.87 -17.73 -4.33
N TYR B 15 -15.40 -16.55 -4.06
CA TYR B 15 -16.08 -16.23 -2.82
C TYR B 15 -17.07 -17.36 -2.48
N GLY B 16 -17.03 -17.81 -1.23
CA GLY B 16 -17.88 -18.94 -0.74
C GLY B 16 -17.37 -20.33 -0.97
N SER B 17 -16.33 -20.52 -1.80
CA SER B 17 -15.76 -21.81 -2.05
C SER B 17 -14.79 -22.19 -0.94
N ASN B 18 -14.16 -23.33 -1.12
CA ASN B 18 -13.18 -23.89 -0.25
C ASN B 18 -11.88 -23.85 -0.98
N MET B 19 -10.78 -23.74 -0.25
CA MET B 19 -9.44 -23.71 -0.81
C MET B 19 -8.51 -24.56 0.07
N THR B 20 -7.63 -25.30 -0.55
CA THR B 20 -6.54 -25.95 0.10
C THR B 20 -5.24 -25.49 -0.49
N ILE B 21 -4.43 -24.79 0.31
CA ILE B 21 -3.15 -24.25 -0.17
C ILE B 21 -2.03 -25.09 0.46
N GLU B 22 -1.12 -25.51 -0.39
CA GLU B 22 -0.21 -26.57 -0.01
C GLU B 22 1.23 -26.12 -0.02
N CYS B 23 1.90 -26.58 1.03
CA CYS B 23 3.34 -26.35 1.18
CA CYS B 23 3.29 -26.38 1.14
C CYS B 23 3.94 -27.71 1.57
N LYS B 24 5.01 -28.09 0.91
CA LYS B 24 5.66 -29.34 1.17
C LYS B 24 6.93 -29.12 1.95
N PHE B 25 7.30 -30.11 2.76
CA PHE B 25 8.59 -30.15 3.42
C PHE B 25 9.09 -31.59 3.46
N PRO B 26 10.40 -31.79 3.48
CA PRO B 26 10.96 -33.13 3.40
C PRO B 26 10.78 -33.93 4.68
N VAL B 27 10.27 -35.14 4.56
CA VAL B 27 10.13 -36.09 5.65
C VAL B 27 10.71 -37.40 5.09
N GLU B 28 11.85 -37.81 5.64
CA GLU B 28 12.67 -38.89 5.13
C GLU B 28 12.04 -40.27 5.33
N LYS B 29 11.83 -40.64 6.56
CA LYS B 29 10.97 -41.80 6.89
C LYS B 29 10.14 -41.23 8.00
N GLN B 30 9.72 -42.08 8.96
CA GLN B 30 8.83 -41.63 10.03
C GLN B 30 8.97 -40.18 10.55
N LEU B 31 7.82 -39.50 10.55
CA LEU B 31 7.76 -38.10 11.01
C LEU B 31 8.05 -38.04 12.50
N ASP B 32 8.95 -37.13 12.89
CA ASP B 32 9.14 -36.78 14.28
C ASP B 32 8.30 -35.55 14.67
N LEU B 33 7.07 -35.79 15.08
CA LEU B 33 6.15 -34.74 15.49
C LEU B 33 6.71 -33.79 16.52
N ALA B 34 7.51 -34.30 17.46
CA ALA B 34 8.06 -33.46 18.51
C ALA B 34 9.02 -32.41 18.02
N ALA B 35 9.64 -32.63 16.85
CA ALA B 35 10.52 -31.65 16.22
C ALA B 35 9.86 -30.73 15.15
N LEU B 36 8.55 -30.85 14.94
CA LEU B 36 7.88 -30.16 13.84
C LEU B 36 7.12 -28.94 14.33
N ILE B 37 7.37 -27.80 13.70
CA ILE B 37 6.52 -26.63 13.85
C ILE B 37 5.98 -26.22 12.48
N VAL B 38 4.66 -26.04 12.37
CA VAL B 38 4.05 -25.46 11.15
C VAL B 38 3.28 -24.21 11.57
N TYR B 39 3.62 -23.10 10.93
CA TYR B 39 2.95 -21.84 11.15
C TYR B 39 2.46 -21.25 9.85
N TRP B 40 1.22 -20.85 9.80
CA TRP B 40 0.64 -20.16 8.63
C TRP B 40 0.15 -18.79 9.07
N GLU B 41 0.43 -17.79 8.23
CA GLU B 41 -0.02 -16.45 8.45
C GLU B 41 -0.36 -15.77 7.15
N MET B 42 -1.15 -14.72 7.26
CA MET B 42 -1.39 -13.84 6.13
C MET B 42 -1.33 -12.42 6.67
N GLU B 43 -0.46 -11.59 6.11
CA GLU B 43 -0.25 -10.23 6.61
C GLU B 43 -0.09 -10.13 8.12
N ASP B 44 0.73 -10.99 8.69
CA ASP B 44 0.96 -11.09 10.10
C ASP B 44 -0.25 -11.50 11.00
N LYS B 45 -1.38 -11.90 10.40
CA LYS B 45 -2.46 -12.55 11.12
C LYS B 45 -2.21 -14.05 11.20
N ASN B 46 -2.17 -14.54 12.44
CA ASN B 46 -1.90 -15.92 12.76
C ASN B 46 -3.07 -16.77 12.30
N ILE B 47 -2.79 -17.80 11.51
CA ILE B 47 -3.83 -18.70 11.02
C ILE B 47 -3.68 -20.06 11.70
N ILE B 48 -2.48 -20.60 11.69
CA ILE B 48 -2.20 -21.93 12.20
C ILE B 48 -0.94 -21.84 12.96
N GLN B 49 -0.91 -22.52 14.10
CA GLN B 49 0.31 -22.61 14.89
C GLN B 49 0.34 -24.01 15.48
N PHE B 50 1.02 -24.91 14.77
CA PHE B 50 1.08 -26.32 15.09
C PHE B 50 2.46 -26.63 15.66
N VAL B 51 2.51 -26.88 16.97
CA VAL B 51 3.75 -27.04 17.71
C VAL B 51 3.58 -28.27 18.63
N HIS B 52 4.60 -29.10 18.78
CA HIS B 52 4.56 -30.29 19.64
C HIS B 52 3.35 -31.17 19.32
N GLY B 53 3.01 -31.38 18.05
CA GLY B 53 1.85 -32.19 17.69
C GLY B 53 0.45 -31.61 17.95
N GLU B 54 0.39 -30.44 18.57
CA GLU B 54 -0.85 -29.84 19.07
C GLU B 54 -1.02 -28.50 18.34
N GLU B 55 -2.24 -28.18 17.91
CA GLU B 55 -2.60 -26.81 17.58
C GLU B 55 -2.81 -25.99 18.84
N ASP B 56 -2.48 -24.72 18.72
CA ASP B 56 -2.89 -23.75 19.72
C ASP B 56 -4.17 -23.05 19.25
N LEU B 57 -5.33 -23.57 19.65
CA LEU B 57 -6.63 -23.17 19.04
C LEU B 57 -7.02 -21.67 19.31
N LYS B 58 -6.66 -21.16 20.50
CA LYS B 58 -7.03 -19.80 20.89
C LYS B 58 -6.13 -18.71 20.30
N VAL B 59 -5.05 -19.05 19.63
CA VAL B 59 -4.11 -18.07 19.02
C VAL B 59 -4.52 -17.65 17.59
N GLN B 60 -5.45 -18.38 16.99
CA GLN B 60 -5.88 -18.06 15.63
C GLN B 60 -6.57 -16.68 15.58
N HIS B 61 -6.26 -15.87 14.59
CA HIS B 61 -6.92 -14.60 14.37
C HIS B 61 -8.45 -14.82 14.17
N SER B 62 -9.24 -13.95 14.78
CA SER B 62 -10.69 -14.15 14.82
C SER B 62 -11.36 -14.29 13.44
N SER B 63 -10.81 -13.61 12.44
CA SER B 63 -11.30 -13.70 11.06
C SER B 63 -11.18 -15.08 10.41
N TYR B 64 -10.38 -15.98 10.96
CA TYR B 64 -10.25 -17.34 10.42
C TYR B 64 -10.93 -18.43 11.27
N ARG B 65 -11.53 -18.02 12.42
CA ARG B 65 -12.12 -18.99 13.33
C ARG B 65 -13.21 -19.84 12.64
N GLN B 66 -13.12 -21.13 12.87
CA GLN B 66 -14.03 -22.13 12.30
C GLN B 66 -13.81 -22.41 10.82
N ARG B 67 -12.91 -21.66 10.17
CA ARG B 67 -12.73 -21.76 8.74
C ARG B 67 -11.40 -22.32 8.30
N ALA B 68 -10.39 -22.34 9.16
CA ALA B 68 -9.03 -22.66 8.71
C ALA B 68 -8.51 -23.78 9.55
N ARG B 69 -7.98 -24.82 8.90
CA ARG B 69 -7.40 -25.97 9.59
C ARG B 69 -6.24 -26.53 8.79
N LEU B 70 -5.31 -27.08 9.54
CA LEU B 70 -4.24 -27.83 9.02
C LEU B 70 -4.69 -29.27 9.01
N LEU B 71 -4.55 -29.95 7.87
CA LEU B 71 -4.93 -31.33 7.75
C LEU B 71 -3.81 -32.22 8.34
N LYS B 72 -4.00 -32.70 9.55
CA LYS B 72 -2.95 -33.41 10.31
C LYS B 72 -2.40 -34.66 9.64
N ASP B 73 -3.29 -35.42 9.00
CA ASP B 73 -2.86 -36.65 8.29
C ASP B 73 -1.79 -36.40 7.24
N GLN B 74 -1.92 -35.28 6.56
CA GLN B 74 -0.98 -34.91 5.50
C GLN B 74 0.46 -34.66 6.03
N LEU B 75 0.63 -34.35 7.31
CA LEU B 75 1.93 -33.97 7.82
C LEU B 75 2.94 -35.08 7.71
N SER B 76 2.53 -36.33 7.97
CA SER B 76 3.46 -37.45 7.86
C SER B 76 3.90 -37.71 6.44
N LEU B 77 3.15 -37.21 5.46
CA LEU B 77 3.55 -37.25 4.05
C LEU B 77 4.42 -36.03 3.67
N GLY B 78 4.77 -35.17 4.62
CA GLY B 78 5.50 -33.96 4.31
C GLY B 78 4.64 -32.91 3.62
N ASN B 79 3.34 -32.88 3.93
CA ASN B 79 2.42 -31.90 3.33
C ASN B 79 1.73 -31.09 4.43
N ALA B 80 2.05 -29.80 4.46
CA ALA B 80 1.43 -28.83 5.36
C ALA B 80 0.37 -28.15 4.50
N ALA B 81 -0.85 -28.62 4.63
CA ALA B 81 -1.91 -28.18 3.77
C ALA B 81 -2.82 -27.40 4.63
N LEU B 82 -3.03 -26.12 4.25
CA LEU B 82 -3.99 -25.28 4.93
C LEU B 82 -5.31 -25.33 4.16
N GLN B 83 -6.37 -25.76 4.82
CA GLN B 83 -7.70 -25.82 4.22
C GLN B 83 -8.52 -24.71 4.79
N ILE B 84 -9.03 -23.86 3.91
CA ILE B 84 -9.84 -22.71 4.30
C ILE B 84 -11.20 -22.97 3.67
N THR B 85 -12.23 -22.95 4.49
CA THR B 85 -13.59 -23.17 4.02
C THR B 85 -14.32 -21.85 4.00
N ASP B 86 -15.29 -21.72 3.07
CA ASP B 86 -16.15 -20.54 3.05
CA ASP B 86 -16.15 -20.54 3.04
C ASP B 86 -15.33 -19.25 2.83
N VAL B 87 -14.60 -19.24 1.72
CA VAL B 87 -13.65 -18.16 1.44
C VAL B 87 -14.32 -16.82 1.39
N LYS B 88 -13.72 -15.84 2.02
CA LYS B 88 -14.19 -14.45 2.08
C LYS B 88 -13.26 -13.55 1.29
N LEU B 89 -13.76 -12.38 0.90
CA LEU B 89 -12.90 -11.40 0.20
C LEU B 89 -11.68 -10.99 1.01
N GLN B 90 -11.83 -10.89 2.32
CA GLN B 90 -10.71 -10.59 3.22
C GLN B 90 -9.64 -11.67 3.23
N ASP B 91 -9.89 -12.86 2.68
CA ASP B 91 -8.90 -13.89 2.60
C ASP B 91 -7.89 -13.68 1.49
N ALA B 92 -8.15 -12.74 0.59
CA ALA B 92 -7.20 -12.42 -0.48
C ALA B 92 -5.93 -11.78 0.07
N GLY B 93 -4.77 -12.21 -0.42
CA GLY B 93 -3.48 -11.58 -0.02
C GLY B 93 -2.39 -12.62 -0.06
N VAL B 94 -1.28 -12.32 0.57
CA VAL B 94 -0.10 -13.14 0.51
C VAL B 94 0.02 -13.95 1.79
N TYR B 95 -0.01 -15.26 1.65
CA TYR B 95 0.09 -16.19 2.76
C TYR B 95 1.54 -16.65 2.87
N ARG B 96 1.96 -16.97 4.08
CA ARG B 96 3.24 -17.63 4.28
C ARG B 96 3.10 -18.85 5.12
N CYS B 97 3.76 -19.88 4.66
CA CYS B 97 3.86 -21.12 5.40
CA CYS B 97 3.86 -21.15 5.36
C CYS B 97 5.28 -21.24 5.90
N MET B 98 5.40 -21.26 7.22
CA MET B 98 6.71 -21.26 7.88
C MET B 98 6.84 -22.59 8.60
N ILE B 99 7.91 -23.31 8.30
CA ILE B 99 8.11 -24.67 8.80
C ILE B 99 9.48 -24.80 9.43
N SER B 100 9.49 -25.31 10.66
CA SER B 100 10.72 -25.72 11.31
C SER B 100 10.67 -27.24 11.48
N TYR B 101 11.67 -27.92 10.97
CA TYR B 101 11.77 -29.38 11.06
C TYR B 101 13.22 -29.80 10.80
N GLY B 102 14.07 -29.67 11.81
CA GLY B 102 15.53 -29.91 11.63
C GLY B 102 16.08 -29.05 10.52
N GLY B 103 15.85 -27.76 10.63
CA GLY B 103 16.03 -26.84 9.52
C GLY B 103 14.78 -25.94 9.50
N ALA B 104 14.85 -24.80 8.82
CA ALA B 104 13.74 -23.87 8.76
C ALA B 104 13.68 -23.15 7.46
N ASP B 105 12.46 -22.92 6.96
CA ASP B 105 12.25 -22.23 5.69
C ASP B 105 10.81 -21.74 5.63
N TYR B 106 10.49 -20.90 4.66
CA TYR B 106 9.12 -20.53 4.38
C TYR B 106 8.95 -20.22 2.91
N LYS B 107 7.70 -20.29 2.46
CA LYS B 107 7.34 -19.82 1.12
C LYS B 107 6.11 -18.93 1.19
N ARG B 108 6.00 -18.08 0.17
CA ARG B 108 4.84 -17.21 0.02
C ARG B 108 3.89 -17.76 -1.02
N ILE B 109 2.60 -17.61 -0.79
CA ILE B 109 1.56 -18.00 -1.74
C ILE B 109 0.59 -16.80 -1.84
N THR B 110 0.29 -16.37 -3.05
CA THR B 110 -0.72 -15.35 -3.29
C THR B 110 -2.08 -15.95 -3.55
N VAL B 111 -3.08 -15.43 -2.87
CA VAL B 111 -4.47 -15.82 -3.09
C VAL B 111 -5.27 -14.66 -3.63
N LYS B 112 -5.94 -14.87 -4.75
CA LYS B 112 -6.91 -13.88 -5.32
C LYS B 112 -8.31 -14.43 -5.10
N VAL B 113 -9.26 -13.58 -4.72
CA VAL B 113 -10.64 -14.03 -4.55
C VAL B 113 -11.53 -13.29 -5.53
N ASN B 114 -12.20 -14.04 -6.40
CA ASN B 114 -13.24 -13.50 -7.26
C ASN B 114 -14.55 -13.49 -6.47
N ALA B 115 -15.40 -12.51 -6.72
CA ALA B 115 -16.68 -12.41 -6.01
C ALA B 115 -17.72 -11.66 -6.81
N PRO B 116 -19.00 -12.04 -6.67
CA PRO B 116 -20.07 -11.24 -7.27
C PRO B 116 -20.21 -9.87 -6.63
N TYR B 117 -20.91 -8.99 -7.34
CA TYR B 117 -21.20 -7.62 -6.89
C TYR B 117 -21.70 -7.55 -5.47
N ALA B 118 -22.66 -8.41 -5.11
CA ALA B 118 -23.27 -8.30 -3.78
C ALA B 118 -22.22 -8.46 -2.65
N ALA B 119 -21.38 -9.49 -2.78
CA ALA B 119 -20.32 -9.74 -1.80
C ALA B 119 -19.30 -8.62 -1.83
N ALA B 120 -19.00 -8.15 -3.04
CA ALA B 120 -18.06 -7.09 -3.30
C ALA B 120 -18.34 -5.86 -2.47
N LEU B 121 -19.53 -5.72 -1.90
CA LEU B 121 -19.74 -4.63 -0.91
C LEU B 121 -19.30 -5.05 0.53
N GLU B 122 -17.97 -5.13 0.60
CA GLU B 122 -17.00 -5.46 1.60
C GLU B 122 -16.42 -4.11 1.35
N HIS B 123 -16.75 -3.54 0.19
CA HIS B 123 -16.37 -2.14 -0.10
C HIS B 123 -16.77 -1.17 0.99
N HIS B 124 -18.00 -1.30 1.50
CA HIS B 124 -18.40 -0.51 2.66
C HIS B 124 -17.63 -0.85 3.97
N HIS B 125 -16.94 -2.00 4.04
CA HIS B 125 -15.94 -2.33 5.09
C HIS B 125 -16.63 -2.76 6.37
N ALA C 1 -25.12 24.44 -5.81
CA ALA C 1 -23.77 23.85 -5.52
C ALA C 1 -23.46 22.77 -6.57
N PHE C 2 -22.44 22.96 -7.41
CA PHE C 2 -22.15 22.05 -8.48
C PHE C 2 -21.74 20.67 -7.93
N THR C 3 -22.51 19.64 -8.23
CA THR C 3 -22.23 18.32 -7.72
C THR C 3 -22.17 17.29 -8.82
N VAL C 4 -21.08 16.55 -8.86
CA VAL C 4 -20.93 15.36 -9.67
C VAL C 4 -21.43 14.20 -8.84
N THR C 5 -22.21 13.31 -9.44
CA THR C 5 -22.70 12.13 -8.73
C THR C 5 -22.36 10.89 -9.52
N VAL C 6 -22.31 9.77 -8.82
CA VAL C 6 -22.09 8.48 -9.46
C VAL C 6 -23.20 7.53 -9.05
N PRO C 7 -23.99 7.02 -10.01
CA PRO C 7 -25.04 6.07 -9.59
C PRO C 7 -24.48 4.80 -8.92
N LYS C 8 -23.32 4.33 -9.41
CA LYS C 8 -22.58 3.24 -8.79
C LYS C 8 -21.17 3.76 -8.50
N ASP C 9 -20.72 3.57 -7.29
CA ASP C 9 -19.34 3.82 -6.94
C ASP C 9 -18.49 2.54 -6.91
N LEU C 10 -19.11 1.39 -7.24
CA LEU C 10 -18.39 0.13 -7.35
C LEU C 10 -18.90 -0.61 -8.55
N TYR C 11 -17.97 -1.07 -9.39
CA TYR C 11 -18.27 -1.96 -10.54
C TYR C 11 -17.46 -3.22 -10.35
N VAL C 12 -18.09 -4.37 -10.56
CA VAL C 12 -17.39 -5.65 -10.61
C VAL C 12 -17.56 -6.16 -12.04
N VAL C 13 -16.46 -6.37 -12.73
CA VAL C 13 -16.51 -6.71 -14.12
C VAL C 13 -15.62 -7.91 -14.40
N GLU C 14 -15.97 -8.66 -15.46
CA GLU C 14 -15.21 -9.86 -15.84
C GLU C 14 -14.10 -9.48 -16.79
N TYR C 15 -12.94 -10.07 -16.58
CA TYR C 15 -11.81 -10.01 -17.50
C TYR C 15 -12.31 -10.26 -18.91
N GLY C 16 -11.90 -9.41 -19.84
CA GLY C 16 -12.29 -9.54 -21.27
C GLY C 16 -13.59 -8.88 -21.65
N SER C 17 -14.43 -8.46 -20.70
CA SER C 17 -15.66 -7.80 -21.01
C SER C 17 -15.41 -6.31 -21.31
N ASN C 18 -16.49 -5.61 -21.60
CA ASN C 18 -16.47 -4.16 -21.79
C ASN C 18 -17.15 -3.55 -20.59
N MET C 19 -16.71 -2.35 -20.21
CA MET C 19 -17.27 -1.67 -19.04
C MET C 19 -17.58 -0.21 -19.38
N THR C 20 -18.73 0.26 -18.90
CA THR C 20 -19.04 1.66 -18.96
C THR C 20 -19.25 2.19 -17.57
N ILE C 21 -18.40 3.13 -17.14
CA ILE C 21 -18.54 3.75 -15.81
C ILE C 21 -19.02 5.16 -15.95
N GLU C 22 -19.97 5.55 -15.14
CA GLU C 22 -20.69 6.80 -15.36
C GLU C 22 -20.55 7.74 -14.19
N CYS C 23 -20.39 9.01 -14.53
N CYS C 23 -20.32 9.02 -14.51
CA CYS C 23 -20.51 10.12 -13.61
CA CYS C 23 -20.54 10.10 -13.57
C CYS C 23 -21.49 11.13 -14.18
C CYS C 23 -21.48 11.14 -14.17
N LYS C 24 -22.39 11.62 -13.33
CA LYS C 24 -23.42 12.55 -13.76
C LYS C 24 -23.06 13.94 -13.29
N PHE C 25 -23.44 14.93 -14.08
CA PHE C 25 -23.30 16.32 -13.73
C PHE C 25 -24.54 17.07 -14.23
N PRO C 26 -24.91 18.16 -13.55
CA PRO C 26 -26.21 18.81 -13.87
C PRO C 26 -26.11 19.60 -15.16
N VAL C 27 -27.11 19.38 -16.04
CA VAL C 27 -27.25 20.22 -17.23
C VAL C 27 -28.67 20.72 -17.29
N GLU C 28 -28.91 21.96 -16.89
CA GLU C 28 -30.27 22.48 -16.89
C GLU C 28 -30.65 23.02 -18.26
N LYS C 29 -29.93 24.03 -18.71
CA LYS C 29 -30.11 24.61 -20.00
C LYS C 29 -29.29 23.76 -20.95
N GLN C 30 -29.45 24.03 -22.22
CA GLN C 30 -28.73 23.32 -23.28
C GLN C 30 -27.22 23.31 -23.00
N LEU C 31 -26.57 22.21 -23.34
CA LEU C 31 -25.17 22.00 -22.99
C LEU C 31 -24.27 23.00 -23.70
N ASP C 32 -23.42 23.67 -22.91
CA ASP C 32 -22.40 24.51 -23.47
C ASP C 32 -21.07 23.76 -23.50
N LEU C 33 -20.82 23.06 -24.61
CA LEU C 33 -19.60 22.27 -24.76
C LEU C 33 -18.33 23.08 -24.55
N ALA C 34 -18.32 24.34 -24.97
CA ALA C 34 -17.13 25.18 -24.82
C ALA C 34 -16.73 25.45 -23.37
N ALA C 35 -17.68 25.36 -22.44
CA ALA C 35 -17.40 25.52 -21.02
C ALA C 35 -17.20 24.19 -20.23
N LEU C 36 -17.19 23.05 -20.91
CA LEU C 36 -17.16 21.75 -20.26
C LEU C 36 -15.79 21.14 -20.32
N ILE C 37 -15.28 20.71 -19.16
CA ILE C 37 -14.05 19.90 -19.13
C ILE C 37 -14.38 18.58 -18.43
N VAL C 38 -14.05 17.46 -19.08
CA VAL C 38 -14.19 16.13 -18.46
C VAL C 38 -12.82 15.48 -18.47
N TYR C 39 -12.38 15.06 -17.28
CA TYR C 39 -11.10 14.38 -17.11
C TYR C 39 -11.30 13.08 -16.34
N TRP C 40 -10.78 11.99 -16.88
CA TRP C 40 -10.84 10.69 -16.22
C TRP C 40 -9.42 10.19 -16.00
N GLU C 41 -9.19 9.66 -14.81
CA GLU C 41 -7.90 9.08 -14.47
C GLU C 41 -8.08 7.87 -13.57
N MET C 42 -7.08 7.05 -13.54
CA MET C 42 -6.97 6.00 -12.58
C MET C 42 -5.55 5.97 -12.05
N GLU C 43 -5.38 6.14 -10.74
CA GLU C 43 -4.07 6.04 -10.08
C GLU C 43 -2.93 6.73 -10.85
N ASP C 44 -3.14 8.00 -11.07
CA ASP C 44 -2.20 8.85 -11.78
C ASP C 44 -2.10 8.63 -13.31
N LYS C 45 -2.80 7.66 -13.89
CA LYS C 45 -2.82 7.48 -15.33
C LYS C 45 -3.97 8.30 -15.92
N ASN C 46 -3.64 9.19 -16.83
CA ASN C 46 -4.62 9.97 -17.63
C ASN C 46 -5.35 8.99 -18.58
N ILE C 47 -6.66 9.04 -18.55
CA ILE C 47 -7.47 8.22 -19.47
C ILE C 47 -8.15 9.10 -20.51
N ILE C 48 -8.80 10.18 -20.06
CA ILE C 48 -9.59 11.03 -20.94
C ILE C 48 -9.28 12.43 -20.51
N GLN C 49 -9.15 13.32 -21.47
CA GLN C 49 -8.98 14.74 -21.23
C GLN C 49 -9.76 15.49 -22.31
N PHE C 50 -11.00 15.82 -21.98
CA PHE C 50 -11.97 16.36 -22.94
C PHE C 50 -12.19 17.82 -22.62
N VAL C 51 -11.66 18.68 -23.51
CA VAL C 51 -11.70 20.12 -23.33
C VAL C 51 -12.14 20.76 -24.65
N HIS C 52 -13.01 21.75 -24.60
CA HIS C 52 -13.49 22.46 -25.81
C HIS C 52 -14.02 21.49 -26.86
N GLY C 53 -14.82 20.51 -26.45
CA GLY C 53 -15.37 19.54 -27.41
C GLY C 53 -14.43 18.50 -28.00
N GLU C 54 -13.12 18.62 -27.73
CA GLU C 54 -12.07 17.83 -28.38
C GLU C 54 -11.37 17.02 -27.30
N GLU C 55 -11.13 15.73 -27.57
CA GLU C 55 -10.29 14.91 -26.71
C GLU C 55 -8.84 15.07 -27.06
N ASP C 56 -7.98 15.18 -26.05
CA ASP C 56 -6.57 15.25 -26.28
C ASP C 56 -5.99 13.85 -26.04
N LEU C 57 -5.86 13.08 -27.14
CA LEU C 57 -5.25 11.75 -27.10
C LEU C 57 -3.76 11.73 -26.84
N LYS C 58 -3.03 12.84 -26.95
CA LYS C 58 -1.59 12.88 -26.64
C LYS C 58 -1.26 12.78 -25.13
N VAL C 59 -2.23 13.01 -24.24
CA VAL C 59 -2.01 12.87 -22.80
C VAL C 59 -2.25 11.40 -22.28
N GLN C 60 -2.89 10.59 -23.10
CA GLN C 60 -3.49 9.36 -22.63
C GLN C 60 -2.40 8.35 -22.25
N HIS C 61 -2.55 7.69 -21.12
CA HIS C 61 -1.57 6.72 -20.68
C HIS C 61 -1.58 5.53 -21.65
N SER C 62 -0.40 5.03 -22.00
CA SER C 62 -0.28 3.98 -23.01
C SER C 62 -1.08 2.71 -22.71
N SER C 63 -1.28 2.38 -21.44
CA SER C 63 -2.08 1.23 -21.04
C SER C 63 -3.59 1.31 -21.41
N TYR C 64 -4.07 2.52 -21.71
CA TYR C 64 -5.46 2.70 -22.15
C TYR C 64 -5.62 3.01 -23.64
N ARG C 65 -4.51 3.12 -24.37
CA ARG C 65 -4.54 3.48 -25.80
C ARG C 65 -5.38 2.47 -26.59
N GLN C 66 -6.26 2.99 -27.42
CA GLN C 66 -7.21 2.20 -28.22
C GLN C 66 -8.35 1.57 -27.44
N ARG C 67 -8.36 1.67 -26.10
CA ARG C 67 -9.30 0.93 -25.27
C ARG C 67 -10.30 1.77 -24.50
N ALA C 68 -10.10 3.09 -24.46
CA ALA C 68 -10.91 3.97 -23.63
C ALA C 68 -11.54 5.04 -24.50
N ARG C 69 -12.81 5.35 -24.24
CA ARG C 69 -13.50 6.44 -24.94
C ARG C 69 -14.57 7.04 -24.07
N LEU C 70 -14.76 8.33 -24.24
CA LEU C 70 -15.82 9.05 -23.60
C LEU C 70 -16.99 9.04 -24.58
N LEU C 71 -18.16 8.66 -24.10
CA LEU C 71 -19.35 8.59 -24.94
C LEU C 71 -19.96 10.00 -25.05
N LYS C 72 -19.60 10.72 -26.11
CA LYS C 72 -19.90 12.15 -26.24
C LYS C 72 -21.37 12.49 -26.29
N ASP C 73 -22.17 11.64 -26.91
CA ASP C 73 -23.65 11.86 -26.98
C ASP C 73 -24.27 12.01 -25.60
N GLN C 74 -23.78 11.25 -24.65
CA GLN C 74 -24.29 11.30 -23.28
C GLN C 74 -24.06 12.62 -22.57
N LEU C 75 -23.11 13.43 -23.02
CA LEU C 75 -22.82 14.69 -22.34
C LEU C 75 -24.01 15.61 -22.29
N SER C 76 -24.80 15.69 -23.37
CA SER C 76 -25.98 16.56 -23.38
C SER C 76 -27.03 16.14 -22.38
N LEU C 77 -27.03 14.87 -21.97
CA LEU C 77 -27.87 14.40 -20.90
C LEU C 77 -27.24 14.56 -19.51
N GLY C 78 -26.09 15.21 -19.42
CA GLY C 78 -25.38 15.31 -18.14
C GLY C 78 -24.76 13.98 -17.69
N ASN C 79 -24.33 13.16 -18.64
CA ASN C 79 -23.68 11.86 -18.32
C ASN C 79 -22.30 11.80 -18.97
N ALA C 80 -21.28 11.76 -18.14
CA ALA C 80 -19.88 11.58 -18.55
C ALA C 80 -19.58 10.08 -18.38
N ALA C 81 -19.68 9.35 -19.46
CA ALA C 81 -19.61 7.91 -19.38
C ALA C 81 -18.31 7.49 -20.04
N LEU C 82 -17.46 6.82 -19.27
CA LEU C 82 -16.22 6.27 -19.77
C LEU C 82 -16.42 4.81 -20.14
N GLN C 83 -16.18 4.46 -21.41
CA GLN C 83 -16.23 3.08 -21.87
C GLN C 83 -14.83 2.55 -22.00
N ILE C 84 -14.60 1.41 -21.35
CA ILE C 84 -13.34 0.69 -21.51
C ILE C 84 -13.65 -0.64 -22.15
N THR C 85 -12.91 -0.96 -23.22
CA THR C 85 -13.13 -2.23 -23.92
C THR C 85 -12.08 -3.27 -23.54
N ASP C 86 -12.44 -4.53 -23.48
CA ASP C 86 -11.46 -5.62 -23.32
C ASP C 86 -10.73 -5.48 -21.95
N VAL C 87 -11.53 -5.50 -20.90
CA VAL C 87 -11.03 -5.15 -19.56
C VAL C 87 -9.91 -6.12 -19.14
N LYS C 88 -8.84 -5.55 -18.62
CA LYS C 88 -7.68 -6.28 -18.15
C LYS C 88 -7.59 -6.21 -16.62
N LEU C 89 -6.80 -7.11 -16.02
CA LEU C 89 -6.64 -7.07 -14.55
C LEU C 89 -6.04 -5.76 -14.07
N GLN C 90 -5.16 -5.17 -14.86
CA GLN C 90 -4.55 -3.87 -14.54
C GLN C 90 -5.56 -2.72 -14.57
N ASP C 91 -6.78 -2.93 -15.09
CA ASP C 91 -7.80 -1.92 -15.03
C ASP C 91 -8.49 -1.82 -13.68
N ALA C 92 -8.26 -2.78 -12.78
CA ALA C 92 -8.82 -2.73 -11.44
C ALA C 92 -8.18 -1.58 -10.64
N GLY C 93 -9.00 -0.86 -9.89
CA GLY C 93 -8.51 0.21 -9.03
C GLY C 93 -9.51 1.32 -8.94
N VAL C 94 -9.04 2.47 -8.49
CA VAL C 94 -9.90 3.59 -8.18
C VAL C 94 -9.81 4.61 -9.31
N TYR C 95 -10.93 4.86 -9.96
CA TYR C 95 -11.02 5.82 -11.04
C TYR C 95 -11.55 7.12 -10.47
N ARG C 96 -11.18 8.23 -11.06
CA ARG C 96 -11.79 9.50 -10.76
C ARG C 96 -12.25 10.20 -12.02
N CYS C 97 -13.45 10.73 -11.92
N CYS C 97 -13.46 10.73 -11.92
CA CYS C 97 -14.02 11.58 -12.93
CA CYS C 97 -14.03 11.58 -12.92
C CYS C 97 -14.01 13.01 -12.36
C CYS C 97 -14.01 13.01 -12.36
N MET C 98 -13.27 13.88 -13.03
CA MET C 98 -13.17 15.28 -12.66
C MET C 98 -13.89 16.10 -13.74
N ILE C 99 -14.86 16.90 -13.30
CA ILE C 99 -15.68 17.69 -14.20
C ILE C 99 -15.67 19.15 -13.79
N SER C 100 -15.37 20.01 -14.76
CA SER C 100 -15.56 21.45 -14.61
C SER C 100 -16.66 21.88 -15.60
N TYR C 101 -17.70 22.49 -15.04
CA TYR C 101 -18.81 23.03 -15.85
C TYR C 101 -19.51 24.13 -15.08
N GLY C 102 -18.91 25.32 -15.09
CA GLY C 102 -19.40 26.43 -14.25
C GLY C 102 -19.48 26.05 -12.80
N GLY C 103 -18.37 25.58 -12.29
CA GLY C 103 -18.38 24.80 -11.00
C GLY C 103 -17.48 23.61 -11.24
N ALA C 104 -16.99 22.99 -10.17
CA ALA C 104 -16.07 21.85 -10.32
C ALA C 104 -16.24 20.87 -9.20
N ASP C 105 -16.12 19.59 -9.52
CA ASP C 105 -16.25 18.51 -8.54
C ASP C 105 -15.62 17.25 -9.13
N TYR C 106 -15.42 16.24 -8.27
CA TYR C 106 -15.02 14.91 -8.76
C TYR C 106 -15.57 13.83 -7.89
N LYS C 107 -15.66 12.63 -8.44
CA LYS C 107 -16.05 11.45 -7.67
C LYS C 107 -15.12 10.30 -7.98
N ARG C 108 -15.07 9.35 -7.03
CA ARG C 108 -14.27 8.15 -7.17
C ARG C 108 -15.19 6.98 -7.51
N ILE C 109 -14.69 6.09 -8.36
CA ILE C 109 -15.35 4.85 -8.67
C ILE C 109 -14.32 3.73 -8.53
N THR C 110 -14.67 2.71 -7.76
CA THR C 110 -13.85 1.53 -7.62
C THR C 110 -14.27 0.46 -8.59
N VAL C 111 -13.29 -0.07 -9.32
CA VAL C 111 -13.51 -1.17 -10.25
C VAL C 111 -12.78 -2.41 -9.74
N LYS C 112 -13.49 -3.51 -9.61
CA LYS C 112 -12.91 -4.83 -9.30
C LYS C 112 -13.01 -5.70 -10.55
N VAL C 113 -11.96 -6.45 -10.87
CA VAL C 113 -11.95 -7.30 -12.03
C VAL C 113 -11.83 -8.75 -11.60
N ASN C 114 -12.84 -9.55 -11.93
CA ASN C 114 -12.78 -10.99 -11.75
C ASN C 114 -12.07 -11.57 -12.98
N ALA C 115 -11.31 -12.63 -12.79
CA ALA C 115 -10.60 -13.27 -13.88
C ALA C 115 -10.37 -14.74 -13.57
N PRO C 116 -10.39 -15.58 -14.61
CA PRO C 116 -10.04 -16.97 -14.40
C PRO C 116 -8.54 -17.16 -14.09
N TYR C 117 -8.22 -18.34 -13.58
CA TYR C 117 -6.87 -18.67 -13.17
C TYR C 117 -5.80 -18.36 -14.21
N ALA C 118 -6.07 -18.77 -15.44
CA ALA C 118 -5.13 -18.58 -16.53
C ALA C 118 -4.79 -17.13 -16.76
N ALA C 119 -5.78 -16.25 -16.80
CA ALA C 119 -5.53 -14.81 -16.96
C ALA C 119 -4.81 -14.25 -15.75
N ALA C 120 -5.22 -14.67 -14.56
CA ALA C 120 -4.58 -14.16 -13.33
C ALA C 120 -3.13 -14.59 -13.26
N LEU C 121 -2.86 -15.80 -13.73
CA LEU C 121 -1.50 -16.31 -13.77
C LEU C 121 -0.55 -15.50 -14.69
N GLU C 122 -1.03 -15.04 -15.84
CA GLU C 122 -0.24 -14.08 -16.67
C GLU C 122 -0.01 -12.74 -15.95
N HIS C 123 -1.05 -12.14 -15.39
CA HIS C 123 -0.92 -10.89 -14.64
C HIS C 123 0.04 -11.05 -13.43
N HIS C 124 -0.10 -12.15 -12.72
CA HIS C 124 0.86 -12.57 -11.72
C HIS C 124 1.97 -13.11 -12.58
N HIS C 125 3.21 -12.81 -12.25
CA HIS C 125 4.39 -13.27 -12.98
C HIS C 125 4.48 -12.81 -14.50
N HIS C 126 4.24 -11.52 -14.69
CA HIS C 126 4.29 -10.85 -16.02
C HIS C 126 3.66 -9.47 -15.93
N ALA D 1 -4.23 26.93 -23.22
CA ALA D 1 -3.76 25.77 -22.37
C ALA D 1 -3.49 26.23 -20.90
N PHE D 2 -4.53 26.17 -20.10
CA PHE D 2 -4.42 26.47 -18.67
C PHE D 2 -3.53 25.44 -17.97
N THR D 3 -2.43 25.88 -17.40
CA THR D 3 -1.49 24.99 -16.77
C THR D 3 -1.17 25.44 -15.35
N VAL D 4 -1.32 24.51 -14.41
CA VAL D 4 -0.90 24.70 -13.04
C VAL D 4 0.54 24.20 -12.95
N THR D 5 1.39 24.92 -12.27
CA THR D 5 2.79 24.51 -12.12
C THR D 5 3.17 24.50 -10.66
N VAL D 6 4.20 23.75 -10.32
CA VAL D 6 4.71 23.63 -8.97
C VAL D 6 6.21 23.95 -9.00
N PRO D 7 6.68 24.94 -8.26
CA PRO D 7 8.14 25.14 -8.22
C PRO D 7 8.89 23.96 -7.58
N LYS D 8 8.30 23.35 -6.56
CA LYS D 8 8.84 22.18 -5.89
C LYS D 8 7.78 21.12 -5.88
N ASP D 9 8.11 19.94 -6.35
CA ASP D 9 7.17 18.82 -6.23
C ASP D 9 7.53 17.88 -5.07
N LEU D 10 8.60 18.23 -4.32
CA LEU D 10 8.97 17.50 -3.13
C LEU D 10 9.29 18.49 -2.02
N TYR D 11 8.71 18.27 -0.84
CA TYR D 11 9.03 19.04 0.38
C TYR D 11 9.47 18.05 1.45
N VAL D 12 10.54 18.35 2.16
CA VAL D 12 11.01 17.57 3.29
C VAL D 12 10.95 18.51 4.47
N VAL D 13 10.14 18.17 5.47
CA VAL D 13 9.89 19.10 6.55
C VAL D 13 10.04 18.43 7.88
N GLU D 14 10.40 19.20 8.89
CA GLU D 14 10.63 18.69 10.25
C GLU D 14 9.35 18.74 11.01
N TYR D 15 9.08 17.64 11.75
CA TYR D 15 7.99 17.57 12.69
C TYR D 15 7.98 18.87 13.53
N GLY D 16 6.80 19.45 13.68
CA GLY D 16 6.62 20.67 14.46
C GLY D 16 6.84 21.98 13.74
N SER D 17 7.44 21.97 12.54
CA SER D 17 7.65 23.15 11.76
C SER D 17 6.36 23.54 11.04
N ASN D 18 6.46 24.65 10.32
CA ASN D 18 5.39 25.11 9.46
C ASN D 18 5.84 24.85 8.03
N MET D 19 4.89 24.53 7.18
CA MET D 19 5.18 24.28 5.77
C MET D 19 4.18 25.05 4.91
N THR D 20 4.70 25.66 3.85
CA THR D 20 3.86 26.26 2.84
C THR D 20 4.16 25.60 1.51
N ILE D 21 3.16 24.94 0.94
CA ILE D 21 3.32 24.24 -0.35
C ILE D 21 2.58 25.02 -1.42
N GLU D 22 3.22 25.21 -2.55
CA GLU D 22 2.71 26.17 -3.54
C GLU D 22 2.40 25.56 -4.85
N CYS D 23 1.28 25.98 -5.42
CA CYS D 23 0.95 25.69 -6.83
CA CYS D 23 1.02 25.69 -6.78
C CYS D 23 0.59 27.01 -7.52
N LYS D 24 1.13 27.20 -8.70
CA LYS D 24 0.95 28.44 -9.44
C LYS D 24 -0.04 28.25 -10.55
N PHE D 25 -0.79 29.30 -10.85
CA PHE D 25 -1.74 29.31 -11.92
C PHE D 25 -1.72 30.71 -12.54
N PRO D 26 -2.00 30.82 -13.85
CA PRO D 26 -1.82 32.09 -14.54
C PRO D 26 -2.92 33.07 -14.20
N VAL D 27 -2.52 34.30 -13.87
CA VAL D 27 -3.48 35.39 -13.65
C VAL D 27 -3.02 36.55 -14.52
N GLU D 28 -3.75 36.83 -15.59
CA GLU D 28 -3.32 37.74 -16.65
C GLU D 28 -3.59 39.18 -16.22
N LYS D 29 -4.86 39.51 -16.04
CA LYS D 29 -5.24 40.79 -15.53
C LYS D 29 -5.63 40.56 -14.09
N GLN D 30 -6.35 41.53 -13.55
CA GLN D 30 -6.84 41.47 -12.17
C GLN D 30 -7.55 40.16 -11.90
N LEU D 31 -7.37 39.60 -10.71
CA LEU D 31 -7.98 38.30 -10.37
C LEU D 31 -9.49 38.44 -10.31
N ASP D 32 -10.18 37.53 -11.00
CA ASP D 32 -11.61 37.41 -10.87
C ASP D 32 -11.94 36.29 -9.87
N LEU D 33 -12.07 36.67 -8.61
CA LEU D 33 -12.35 35.72 -7.53
C LEU D 33 -13.60 34.91 -7.77
N ALA D 34 -14.62 35.51 -8.39
CA ALA D 34 -15.87 34.80 -8.65
C ALA D 34 -15.73 33.65 -9.64
N ALA D 35 -14.70 33.63 -10.46
CA ALA D 35 -14.40 32.51 -11.36
C ALA D 35 -13.35 31.49 -10.84
N LEU D 36 -12.85 31.66 -9.61
CA LEU D 36 -11.73 30.85 -9.11
C LEU D 36 -12.20 29.77 -8.17
N ILE D 37 -11.77 28.53 -8.42
CA ILE D 37 -11.91 27.46 -7.44
C ILE D 37 -10.52 26.90 -7.13
N VAL D 38 -10.20 26.76 -5.84
CA VAL D 38 -8.95 26.10 -5.40
C VAL D 38 -9.34 24.97 -4.47
N TYR D 39 -8.86 23.76 -4.79
CA TYR D 39 -9.10 22.59 -3.98
C TYR D 39 -7.77 21.90 -3.67
N TRP D 40 -7.53 21.63 -2.39
CA TRP D 40 -6.36 20.89 -1.93
C TRP D 40 -6.81 19.64 -1.22
N GLU D 41 -6.18 18.54 -1.56
CA GLU D 41 -6.39 17.28 -0.83
C GLU D 41 -5.10 16.54 -0.63
N MET D 42 -5.12 15.62 0.30
CA MET D 42 -4.07 14.63 0.43
C MET D 42 -4.73 13.27 0.60
N GLU D 43 -4.48 12.34 -0.32
CA GLU D 43 -4.94 10.96 -0.21
C GLU D 43 -6.40 10.86 0.24
N ASP D 44 -7.23 11.47 -0.57
CA ASP D 44 -8.67 11.48 -0.34
C ASP D 44 -9.17 12.37 0.84
N LYS D 45 -8.30 12.97 1.65
CA LYS D 45 -8.72 13.90 2.68
C LYS D 45 -8.80 15.32 2.09
N ASN D 46 -9.97 15.92 2.19
CA ASN D 46 -10.22 17.30 1.75
C ASN D 46 -9.52 18.24 2.73
N ILE D 47 -8.71 19.15 2.20
CA ILE D 47 -7.99 20.09 3.04
C ILE D 47 -8.58 21.51 2.86
N ILE D 48 -8.73 21.93 1.62
CA ILE D 48 -9.15 23.27 1.29
C ILE D 48 -10.14 23.09 0.18
N GLN D 49 -11.22 23.84 0.28
CA GLN D 49 -12.22 23.93 -0.78
C GLN D 49 -12.66 25.37 -0.86
N PHE D 50 -12.01 26.12 -1.73
CA PHE D 50 -12.18 27.58 -1.84
C PHE D 50 -12.93 27.83 -3.14
N VAL D 51 -14.19 28.18 -3.03
CA VAL D 51 -15.08 28.30 -4.19
C VAL D 51 -15.61 29.75 -4.29
N HIS D 52 -15.16 30.45 -5.30
CA HIS D 52 -15.62 31.81 -5.60
C HIS D 52 -15.52 32.72 -4.37
N GLY D 53 -14.39 32.69 -3.66
CA GLY D 53 -14.20 33.56 -2.52
C GLY D 53 -14.66 33.02 -1.18
N GLU D 54 -15.45 31.93 -1.16
CA GLU D 54 -15.95 31.33 0.07
C GLU D 54 -15.33 29.98 0.33
N GLU D 55 -14.77 29.79 1.51
CA GLU D 55 -14.28 28.47 1.93
C GLU D 55 -15.40 27.69 2.56
N ASP D 56 -15.49 26.40 2.23
CA ASP D 56 -16.41 25.54 2.96
C ASP D 56 -15.63 24.79 4.05
N LEU D 57 -15.59 25.35 5.26
CA LEU D 57 -14.96 24.69 6.41
C LEU D 57 -15.68 23.45 6.93
N LYS D 58 -16.92 23.20 6.57
CA LYS D 58 -17.61 21.94 6.91
C LYS D 58 -17.08 20.68 6.19
N VAL D 59 -16.36 20.85 5.09
CA VAL D 59 -15.79 19.72 4.32
C VAL D 59 -14.38 19.30 4.84
N GLN D 60 -13.73 20.16 5.61
CA GLN D 60 -12.31 19.97 5.85
C GLN D 60 -12.09 18.75 6.76
N HIS D 61 -11.12 17.91 6.42
CA HIS D 61 -10.88 16.71 7.20
C HIS D 61 -10.43 17.08 8.61
N SER D 62 -10.93 16.37 9.62
CA SER D 62 -10.68 16.74 11.01
C SER D 62 -9.19 16.82 11.39
N SER D 63 -8.35 16.02 10.75
CA SER D 63 -6.89 16.07 10.98
C SER D 63 -6.19 17.39 10.54
N TYR D 64 -6.87 18.18 9.71
CA TYR D 64 -6.33 19.46 9.25
C TYR D 64 -7.14 20.66 9.80
N ARG D 65 -8.07 20.43 10.73
CA ARG D 65 -9.09 21.43 11.08
C ARG D 65 -8.46 22.69 11.63
N GLN D 66 -7.53 22.60 12.57
CA GLN D 66 -6.92 23.76 13.18
C GLN D 66 -5.67 24.24 12.44
N ARG D 67 -5.10 23.47 11.51
CA ARG D 67 -3.69 23.61 11.13
C ARG D 67 -3.47 23.99 9.66
N ALA D 68 -4.51 24.03 8.83
CA ALA D 68 -4.35 24.19 7.40
C ALA D 68 -5.12 25.40 6.92
N ARG D 69 -4.49 26.23 6.08
CA ARG D 69 -5.14 27.42 5.53
C ARG D 69 -4.54 27.75 4.18
N LEU D 70 -5.36 28.35 3.36
CA LEU D 70 -4.98 28.88 2.09
C LEU D 70 -4.58 30.32 2.33
N LEU D 71 -3.38 30.71 1.88
CA LEU D 71 -2.90 32.04 2.01
C LEU D 71 -3.56 32.93 0.92
N LYS D 72 -4.60 33.65 1.33
CA LYS D 72 -5.46 34.37 0.37
C LYS D 72 -4.74 35.49 -0.35
N ASP D 73 -3.80 36.16 0.33
CA ASP D 73 -2.99 37.20 -0.28
C ASP D 73 -2.30 36.76 -1.59
N GLN D 74 -1.82 35.53 -1.57
CA GLN D 74 -1.09 34.99 -2.70
C GLN D 74 -1.97 34.79 -3.97
N LEU D 75 -3.28 34.71 -3.81
CA LEU D 75 -4.15 34.32 -4.91
C LEU D 75 -4.10 35.30 -6.09
N SER D 76 -4.10 36.59 -5.79
CA SER D 76 -4.05 37.59 -6.90
C SER D 76 -2.73 37.57 -7.62
N LEU D 77 -1.70 37.03 -7.00
CA LEU D 77 -0.40 36.81 -7.64
C LEU D 77 -0.34 35.47 -8.41
N GLY D 78 -1.45 34.74 -8.49
CA GLY D 78 -1.46 33.45 -9.14
C GLY D 78 -0.75 32.38 -8.34
N ASN D 79 -0.81 32.47 -7.00
CA ASN D 79 -0.16 31.48 -6.13
C ASN D 79 -1.20 30.94 -5.15
N ALA D 80 -1.50 29.64 -5.30
CA ALA D 80 -2.39 28.90 -4.41
C ALA D 80 -1.48 28.21 -3.39
N ALA D 81 -1.31 28.83 -2.24
CA ALA D 81 -0.34 28.40 -1.31
C ALA D 81 -1.07 27.82 -0.12
N LEU D 82 -0.82 26.55 0.17
CA LEU D 82 -1.37 25.88 1.33
C LEU D 82 -0.38 25.90 2.48
N GLN D 83 -0.76 26.49 3.61
CA GLN D 83 0.10 26.55 4.79
C GLN D 83 -0.41 25.57 5.81
N ILE D 84 0.48 24.66 6.21
CA ILE D 84 0.20 23.76 7.33
C ILE D 84 1.11 24.12 8.48
N THR D 85 0.48 24.33 9.64
CA THR D 85 1.24 24.75 10.83
C THR D 85 1.38 23.51 11.75
N ASP D 86 2.50 23.43 12.43
CA ASP D 86 2.71 22.37 13.42
C ASP D 86 2.66 20.97 12.77
N VAL D 87 3.53 20.79 11.79
CA VAL D 87 3.47 19.60 10.91
C VAL D 87 3.60 18.32 11.73
N LYS D 88 2.75 17.36 11.42
CA LYS D 88 2.72 16.07 12.07
C LYS D 88 3.15 14.97 11.08
N LEU D 89 3.47 13.79 11.62
CA LEU D 89 3.85 12.65 10.79
C LEU D 89 2.75 12.24 9.82
N GLN D 90 1.50 12.34 10.26
CA GLN D 90 0.35 12.04 9.41
C GLN D 90 0.20 13.02 8.24
N ASP D 91 0.93 14.14 8.21
CA ASP D 91 0.87 15.04 7.09
C ASP D 91 1.72 14.58 5.91
N ALA D 92 2.55 13.56 6.09
CA ALA D 92 3.35 13.02 5.00
C ALA D 92 2.46 12.33 3.96
N GLY D 93 2.75 12.53 2.68
CA GLY D 93 1.95 11.90 1.61
C GLY D 93 1.98 12.72 0.36
N VAL D 94 1.10 12.36 -0.56
CA VAL D 94 0.96 13.02 -1.85
C VAL D 94 -0.21 13.99 -1.82
N TYR D 95 0.06 15.26 -1.98
CA TYR D 95 -0.93 16.33 -2.00
C TYR D 95 -1.30 16.62 -3.45
N ARG D 96 -2.53 17.04 -3.67
CA ARG D 96 -2.93 17.58 -4.96
C ARG D 96 -3.58 18.93 -4.81
N CYS D 97 -3.13 19.83 -5.68
CA CYS D 97 -3.76 21.12 -5.84
CA CYS D 97 -3.69 21.17 -5.88
C CYS D 97 -4.55 21.09 -7.15
N MET D 98 -5.86 21.26 -7.04
CA MET D 98 -6.76 21.28 -8.17
C MET D 98 -7.31 22.69 -8.31
N ILE D 99 -7.12 23.28 -9.50
CA ILE D 99 -7.49 24.70 -9.74
C ILE D 99 -8.36 24.80 -10.97
N SER D 100 -9.50 25.49 -10.82
CA SER D 100 -10.33 25.88 -11.92
C SER D 100 -10.33 27.40 -12.00
N TYR D 101 -9.93 27.93 -13.15
CA TYR D 101 -9.88 29.36 -13.39
C TYR D 101 -9.88 29.62 -14.90
N GLY D 102 -11.05 29.55 -15.51
CA GLY D 102 -11.15 29.65 -16.98
C GLY D 102 -10.27 28.59 -17.67
N GLY D 103 -10.50 27.36 -17.28
CA GLY D 103 -9.55 26.28 -17.56
C GLY D 103 -9.38 25.49 -16.26
N ALA D 104 -8.86 24.28 -16.35
CA ALA D 104 -8.69 23.44 -15.14
C ALA D 104 -7.49 22.55 -15.27
N ASP D 105 -6.79 22.35 -14.15
CA ASP D 105 -5.60 21.52 -14.12
C ASP D 105 -5.31 21.14 -12.65
N TYR D 106 -4.38 20.22 -12.44
CA TYR D 106 -3.91 19.88 -11.10
C TYR D 106 -2.49 19.42 -11.14
N LYS D 107 -1.80 19.51 -10.00
CA LYS D 107 -0.46 18.94 -9.85
C LYS D 107 -0.36 18.19 -8.53
N ARG D 108 0.59 17.29 -8.45
CA ARG D 108 0.87 16.50 -7.24
C ARG D 108 2.11 17.05 -6.58
N ILE D 109 2.13 17.07 -5.25
CA ILE D 109 3.29 17.42 -4.47
C ILE D 109 3.48 16.34 -3.39
N THR D 110 4.70 15.84 -3.27
CA THR D 110 5.07 14.86 -2.26
C THR D 110 5.66 15.54 -1.06
N VAL D 111 5.14 15.23 0.12
CA VAL D 111 5.68 15.76 1.37
C VAL D 111 6.23 14.61 2.20
N LYS D 112 7.46 14.75 2.67
CA LYS D 112 8.10 13.81 3.61
C LYS D 112 8.26 14.53 4.93
N VAL D 113 8.01 13.84 6.05
CA VAL D 113 8.17 14.47 7.36
C VAL D 113 9.25 13.72 8.13
N ASN D 114 10.29 14.43 8.51
CA ASN D 114 11.30 13.94 9.44
C ASN D 114 10.79 14.16 10.85
N ALA D 115 11.07 13.21 11.76
CA ALA D 115 10.66 13.40 13.14
C ALA D 115 11.61 12.72 14.10
N PRO D 116 11.82 13.34 15.26
CA PRO D 116 12.64 12.64 16.27
C PRO D 116 11.92 11.44 16.85
N TYR D 117 12.69 10.61 17.56
CA TYR D 117 12.19 9.41 18.22
C TYR D 117 10.92 9.66 19.01
N ALA D 118 10.89 10.73 19.81
CA ALA D 118 9.73 10.90 20.71
C ALA D 118 8.41 11.03 19.91
N ALA D 119 8.45 11.85 18.86
CA ALA D 119 7.27 12.05 18.02
C ALA D 119 6.95 10.81 17.23
N ALA D 120 7.97 10.13 16.73
CA ALA D 120 7.73 8.89 15.94
C ALA D 120 7.15 7.82 16.82
N LEU D 121 7.63 7.77 18.06
CA LEU D 121 7.12 6.78 19.02
C LEU D 121 5.64 6.96 19.35
N GLU D 122 5.22 8.21 19.56
CA GLU D 122 3.78 8.51 19.78
C GLU D 122 2.95 8.16 18.55
N HIS D 123 3.39 8.56 17.37
CA HIS D 123 2.67 8.21 16.11
C HIS D 123 2.60 6.71 15.94
N HIS D 124 3.69 6.02 16.21
CA HIS D 124 3.74 4.57 16.02
C HIS D 124 2.72 3.85 16.86
N HIS D 125 2.60 4.23 18.11
CA HIS D 125 1.69 3.52 19.03
C HIS D 125 0.31 4.16 19.12
N HIS D 126 0.17 5.45 18.78
CA HIS D 126 -1.07 6.16 19.14
C HIS D 126 -1.73 6.96 18.07
N HIS D 127 -1.53 6.64 16.79
CA HIS D 127 -2.28 7.28 15.67
C HIS D 127 -3.12 6.23 15.00
#